data_4IBD
#
_entry.id   4IBD
#
_cell.length_a   51.562
_cell.length_b   65.485
_cell.length_c   72.596
_cell.angle_alpha   90.00
_cell.angle_beta   90.00
_cell.angle_gamma   90.00
#
_symmetry.space_group_name_H-M   'P 21 21 21'
#
loop_
_entity.id
_entity.type
_entity.pdbx_description
1 polymer 'Polymerase cofactor VP35'
2 non-polymer '5-[(2R)-3-benzoyl-2-(4-bromothiophen-2-yl)-4-hydroxy-5-oxo-2,5-dihydro-1H-pyrrol-1-yl]-2-methylbenzoic acid'
3 non-polymer GLYCEROL
4 non-polymer 'MAGNESIUM ION'
5 water water
#
_entity_poly.entity_id   1
_entity_poly.type   'polypeptide(L)'
_entity_poly.pdbx_seq_one_letter_code
;GHMGKPDISAKDLRNIMYDHLPGFGTAFHQLVQVICKLGKDSNSLDIIHAEFQASLAEGDSPQCALIQITKRVPIFQDAA
PPVIHIRSRGDIPRACQKSLRPVPPSPKIDRGWVCVFQLQDGKTLGLKI
;
_entity_poly.pdbx_strand_id   A,B
#
loop_
_chem_comp.id
_chem_comp.type
_chem_comp.name
_chem_comp.formula
1DL non-polymer '5-[(2R)-3-benzoyl-2-(4-bromothiophen-2-yl)-4-hydroxy-5-oxo-2,5-dihydro-1H-pyrrol-1-yl]-2-methylbenzoic acid' 'C23 H16 Br N O5 S'
GOL non-polymer GLYCEROL 'C3 H8 O3'
MG non-polymer 'MAGNESIUM ION' 'Mg 2'
#
# COMPACT_ATOMS: atom_id res chain seq x y z
N ASP A 7 26.47 -9.47 -12.20
CA ASP A 7 25.30 -9.50 -11.32
C ASP A 7 24.04 -9.07 -12.04
N ILE A 8 23.02 -9.92 -11.97
CA ILE A 8 21.74 -9.68 -12.63
C ILE A 8 21.06 -8.40 -12.10
N SER A 9 20.61 -7.55 -13.02
CA SER A 9 19.84 -6.38 -12.63
C SER A 9 18.37 -6.71 -12.64
N ALA A 10 17.55 -5.84 -12.07
CA ALA A 10 16.11 -6.01 -12.14
C ALA A 10 15.64 -5.96 -13.61
N LYS A 11 16.19 -5.07 -14.41
CA LYS A 11 15.76 -5.01 -15.82
C LYS A 11 16.10 -6.32 -16.54
N ASP A 12 17.28 -6.85 -16.25
CA ASP A 12 17.72 -8.10 -16.86
C ASP A 12 16.80 -9.23 -16.48
N LEU A 13 16.47 -9.32 -15.19
CA LEU A 13 15.61 -10.40 -14.73
C LEU A 13 14.22 -10.31 -15.36
N ARG A 14 13.65 -9.12 -15.38
CA ARG A 14 12.37 -8.90 -16.04
CA ARG A 14 12.37 -8.91 -16.05
C ARG A 14 12.41 -9.40 -17.49
N ASN A 15 13.49 -9.08 -18.19
CA ASN A 15 13.63 -9.50 -19.60
C ASN A 15 13.74 -11.00 -19.77
N ILE A 16 14.54 -11.64 -18.94
CA ILE A 16 14.65 -13.10 -18.93
C ILE A 16 13.27 -13.74 -18.73
N MET A 17 12.57 -13.33 -17.67
CA MET A 17 11.23 -13.84 -17.40
C MET A 17 10.23 -13.56 -18.52
N TYR A 18 10.19 -12.33 -19.02
CA TYR A 18 9.32 -11.99 -20.13
C TYR A 18 9.55 -12.87 -21.34
N ASP A 19 10.81 -13.25 -21.56
N ASP A 19 10.80 -13.23 -21.58
CA ASP A 19 11.19 -14.06 -22.71
CA ASP A 19 11.14 -14.02 -22.76
C ASP A 19 10.48 -15.41 -22.70
C ASP A 19 10.55 -15.44 -22.69
N HIS A 20 10.10 -15.85 -21.51
CA HIS A 20 9.45 -17.16 -21.36
C HIS A 20 7.92 -17.10 -21.38
N LEU A 21 7.35 -15.90 -21.33
CA LEU A 21 5.90 -15.79 -21.21
C LEU A 21 5.22 -15.57 -22.56
N PRO A 22 4.08 -16.24 -22.78
CA PRO A 22 3.31 -15.94 -24.00
C PRO A 22 2.46 -14.69 -23.79
N GLY A 23 2.04 -14.09 -24.89
CA GLY A 23 1.20 -12.91 -24.83
C GLY A 23 2.00 -11.71 -24.34
N PHE A 24 1.32 -10.59 -24.11
CA PHE A 24 1.98 -9.41 -23.56
C PHE A 24 1.04 -8.58 -22.70
N GLY A 25 1.57 -8.05 -21.61
CA GLY A 25 0.78 -7.32 -20.65
C GLY A 25 -0.26 -8.16 -19.91
N THR A 26 0.05 -9.44 -19.71
CA THR A 26 -0.87 -10.34 -19.01
C THR A 26 -0.64 -10.20 -17.51
N ALA A 27 -1.50 -10.81 -16.70
CA ALA A 27 -1.31 -10.79 -15.24
C ALA A 27 0.07 -11.34 -14.85
N PHE A 28 0.58 -12.31 -15.60
CA PHE A 28 1.89 -12.88 -15.31
C PHE A 28 3.03 -11.90 -15.59
N HIS A 29 2.88 -11.07 -16.61
CA HIS A 29 3.85 -10.02 -16.86
C HIS A 29 3.88 -9.02 -15.69
N GLN A 30 2.71 -8.69 -15.15
CA GLN A 30 2.68 -7.82 -13.99
C GLN A 30 3.32 -8.50 -12.78
N LEU A 31 3.13 -9.82 -12.64
CA LEU A 31 3.77 -10.54 -11.54
C LEU A 31 5.29 -10.48 -11.64
N VAL A 32 5.82 -10.61 -12.84
CA VAL A 32 7.25 -10.38 -13.08
C VAL A 32 7.69 -9.00 -12.57
N GLN A 33 6.93 -7.96 -12.92
CA GLN A 33 7.24 -6.61 -12.45
C GLN A 33 7.34 -6.54 -10.94
N VAL A 34 6.36 -7.15 -10.25
CA VAL A 34 6.29 -7.14 -8.79
C VAL A 34 7.40 -7.98 -8.14
N ILE A 35 7.63 -9.17 -8.68
CA ILE A 35 8.74 -9.99 -8.22
C ILE A 35 10.07 -9.25 -8.38
N CYS A 36 10.24 -8.53 -9.48
CA CYS A 36 11.49 -7.84 -9.72
C CYS A 36 11.69 -6.63 -8.80
N LYS A 37 10.63 -5.86 -8.58
CA LYS A 37 10.67 -4.68 -7.72
C LYS A 37 10.95 -5.09 -6.28
N LEU A 38 10.11 -6.00 -5.77
CA LEU A 38 10.26 -6.49 -4.40
C LEU A 38 11.58 -7.22 -4.22
N GLY A 39 12.01 -7.93 -5.27
CA GLY A 39 13.30 -8.59 -5.27
C GLY A 39 14.47 -7.62 -5.22
N LYS A 40 14.40 -6.54 -6.00
CA LYS A 40 15.46 -5.55 -5.94
C LYS A 40 15.55 -4.96 -4.55
N ASP A 41 14.41 -4.56 -4.01
CA ASP A 41 14.35 -3.86 -2.73
C ASP A 41 14.83 -4.74 -1.56
N SER A 42 14.84 -6.06 -1.76
CA SER A 42 15.29 -6.98 -0.72
CA SER A 42 15.29 -6.98 -0.72
C SER A 42 16.57 -7.71 -1.13
N ASN A 43 17.27 -7.16 -2.12
CA ASN A 43 18.54 -7.72 -2.57
C ASN A 43 18.47 -9.22 -2.82
N SER A 44 17.35 -9.66 -3.41
CA SER A 44 17.09 -11.09 -3.60
C SER A 44 16.98 -11.50 -5.07
N LEU A 45 17.44 -10.65 -5.98
CA LEU A 45 17.29 -10.96 -7.40
C LEU A 45 18.01 -12.26 -7.77
N ASP A 46 19.13 -12.54 -7.12
CA ASP A 46 19.87 -13.74 -7.47
C ASP A 46 19.13 -15.03 -7.07
N ILE A 47 18.62 -15.10 -5.85
CA ILE A 47 17.90 -16.32 -5.47
C ILE A 47 16.62 -16.48 -6.28
N ILE A 48 15.93 -15.37 -6.56
CA ILE A 48 14.75 -15.41 -7.41
C ILE A 48 15.09 -15.96 -8.80
N HIS A 49 16.18 -15.48 -9.39
CA HIS A 49 16.57 -15.98 -10.70
C HIS A 49 16.88 -17.47 -10.64
N ALA A 50 17.57 -17.89 -9.58
CA ALA A 50 17.94 -19.29 -9.40
C ALA A 50 16.72 -20.19 -9.26
N GLU A 51 15.71 -19.72 -8.50
CA GLU A 51 14.50 -20.52 -8.32
C GLU A 51 13.72 -20.60 -9.62
N PHE A 52 13.70 -19.49 -10.37
CA PHE A 52 13.02 -19.48 -11.65
C PHE A 52 13.63 -20.50 -12.61
N GLN A 53 14.95 -20.45 -12.75
CA GLN A 53 15.65 -21.39 -13.62
C GLN A 53 15.52 -22.85 -13.15
N ALA A 54 15.55 -23.07 -11.83
CA ALA A 54 15.46 -24.44 -11.33
C ALA A 54 14.09 -25.02 -11.65
N SER A 55 13.05 -24.20 -11.51
N SER A 55 13.05 -24.20 -11.52
CA SER A 55 11.68 -24.62 -11.81
CA SER A 55 11.68 -24.62 -11.79
C SER A 55 11.53 -25.01 -13.27
C SER A 55 11.50 -24.98 -13.27
N LEU A 56 12.01 -24.15 -14.16
CA LEU A 56 11.98 -24.45 -15.59
C LEU A 56 12.74 -25.74 -15.91
N ALA A 57 13.91 -25.88 -15.29
CA ALA A 57 14.76 -27.03 -15.55
C ALA A 57 14.09 -28.35 -15.12
N GLU A 58 13.16 -28.28 -14.17
CA GLU A 58 12.41 -29.46 -13.74
C GLU A 58 11.22 -29.75 -14.65
N GLY A 59 10.92 -28.83 -15.56
CA GLY A 59 9.83 -29.01 -16.51
C GLY A 59 8.58 -28.21 -16.22
N ASP A 60 8.61 -27.37 -15.19
CA ASP A 60 7.44 -26.54 -14.87
C ASP A 60 7.20 -25.51 -15.98
N SER A 61 5.95 -25.12 -16.16
CA SER A 61 5.62 -24.00 -17.04
C SER A 61 6.23 -22.73 -16.44
N PRO A 62 6.51 -21.73 -17.28
CA PRO A 62 7.04 -20.48 -16.72
C PRO A 62 6.04 -19.82 -15.78
N GLN A 63 4.75 -20.02 -16.02
CA GLN A 63 3.72 -19.46 -15.16
C GLN A 63 3.80 -20.11 -13.79
N CYS A 64 3.92 -21.44 -13.78
N CYS A 64 3.92 -21.43 -13.76
CA CYS A 64 4.08 -22.19 -12.54
CA CYS A 64 4.06 -22.14 -12.50
C CYS A 64 5.35 -21.78 -11.82
C CYS A 64 5.37 -21.77 -11.79
N ALA A 65 6.41 -21.52 -12.58
CA ALA A 65 7.69 -21.08 -12.00
C ALA A 65 7.56 -19.74 -11.27
N LEU A 66 6.76 -18.85 -11.81
CA LEU A 66 6.58 -17.54 -11.17
C LEU A 66 5.79 -17.70 -9.88
N ILE A 67 4.75 -18.53 -9.92
CA ILE A 67 3.96 -18.80 -8.74
C ILE A 67 4.79 -19.49 -7.63
N GLN A 68 5.60 -20.47 -8.02
CA GLN A 68 6.49 -21.17 -7.08
C GLN A 68 7.41 -20.18 -6.38
N ILE A 69 7.89 -19.18 -7.11
CA ILE A 69 8.71 -18.16 -6.49
C ILE A 69 7.98 -17.45 -5.35
N THR A 70 6.70 -17.14 -5.55
CA THR A 70 5.92 -16.51 -4.49
C THR A 70 5.73 -17.43 -3.28
N LYS A 71 5.91 -18.72 -3.48
CA LYS A 71 5.70 -19.67 -2.38
C LYS A 71 6.99 -20.17 -1.71
N ARG A 72 8.12 -20.03 -2.41
CA ARG A 72 9.39 -20.57 -1.96
C ARG A 72 10.35 -19.50 -1.47
N VAL A 73 10.27 -18.30 -2.06
CA VAL A 73 11.18 -17.23 -1.67
C VAL A 73 10.56 -16.42 -0.54
N PRO A 74 11.26 -16.37 0.61
CA PRO A 74 10.63 -15.94 1.86
C PRO A 74 10.12 -14.50 1.86
N ILE A 75 10.66 -13.61 1.03
CA ILE A 75 10.12 -12.26 0.99
C ILE A 75 8.68 -12.17 0.50
N PHE A 76 8.20 -13.20 -0.19
CA PHE A 76 6.82 -13.20 -0.69
C PHE A 76 5.88 -13.99 0.24
N GLN A 77 6.45 -14.76 1.14
CA GLN A 77 5.63 -15.64 1.97
C GLN A 77 4.76 -14.84 2.93
N ASP A 78 3.45 -15.03 2.81
CA ASP A 78 2.48 -14.37 3.67
C ASP A 78 2.59 -12.86 3.57
N ALA A 79 3.05 -12.36 2.42
CA ALA A 79 3.24 -10.92 2.20
C ALA A 79 2.02 -10.28 1.53
N ALA A 80 1.70 -9.06 1.95
CA ALA A 80 0.69 -8.26 1.28
C ALA A 80 1.20 -7.83 -0.10
N PRO A 81 0.29 -7.67 -1.08
CA PRO A 81 0.67 -7.20 -2.41
C PRO A 81 1.06 -5.73 -2.35
N PRO A 82 2.04 -5.33 -3.16
CA PRO A 82 2.44 -3.93 -3.21
C PRO A 82 1.29 -3.09 -3.76
N VAL A 83 1.26 -1.83 -3.34
CA VAL A 83 0.30 -0.87 -3.85
C VAL A 83 0.99 -0.08 -4.95
N ILE A 84 0.34 0.04 -6.09
CA ILE A 84 0.89 0.81 -7.21
C ILE A 84 -0.09 1.91 -7.57
N HIS A 85 0.34 3.16 -7.46
CA HIS A 85 -0.52 4.29 -7.76
C HIS A 85 -0.54 4.57 -9.26
N ILE A 86 -1.74 4.64 -9.82
CA ILE A 86 -1.94 5.03 -11.23
C ILE A 86 -3.07 6.05 -11.35
N ARG A 87 -3.22 6.62 -12.55
CA ARG A 87 -4.26 7.60 -12.81
C ARG A 87 -5.61 6.92 -13.02
N SER A 88 -5.66 6.00 -13.97
CA SER A 88 -6.91 5.35 -14.31
C SER A 88 -6.71 3.92 -14.77
N ARG A 89 -7.81 3.21 -14.98
CA ARG A 89 -7.79 1.83 -15.42
C ARG A 89 -7.06 1.69 -16.77
N GLY A 90 -7.03 2.78 -17.53
CA GLY A 90 -6.35 2.80 -18.81
C GLY A 90 -4.83 2.63 -18.72
N ASP A 91 -4.26 2.82 -17.53
CA ASP A 91 -2.83 2.64 -17.32
C ASP A 91 -2.45 1.18 -17.09
N ILE A 92 -3.47 0.33 -16.98
CA ILE A 92 -3.28 -1.11 -16.83
C ILE A 92 -3.39 -1.75 -18.20
N PRO A 93 -2.49 -2.69 -18.53
CA PRO A 93 -2.54 -3.31 -19.86
C PRO A 93 -3.87 -4.00 -20.14
N ARG A 94 -4.26 -4.03 -21.41
CA ARG A 94 -5.51 -4.65 -21.87
C ARG A 94 -5.63 -6.10 -21.40
N ALA A 95 -4.53 -6.84 -21.47
CA ALA A 95 -4.56 -8.26 -21.12
C ALA A 95 -4.67 -8.52 -19.62
N CYS A 96 -4.53 -7.47 -18.81
CA CYS A 96 -4.75 -7.57 -17.37
C CYS A 96 -6.16 -7.22 -16.95
N GLN A 97 -6.91 -6.56 -17.83
CA GLN A 97 -8.19 -5.93 -17.45
C GLN A 97 -9.18 -6.89 -16.78
N LYS A 98 -9.31 -8.09 -17.33
CA LYS A 98 -10.27 -9.06 -16.80
C LYS A 98 -9.79 -9.75 -15.52
N SER A 99 -8.54 -9.51 -15.14
CA SER A 99 -7.99 -10.08 -13.92
C SER A 99 -8.11 -9.11 -12.74
N LEU A 100 -8.65 -7.92 -12.98
CA LEU A 100 -8.82 -6.91 -11.93
C LEU A 100 -10.07 -7.19 -11.13
N ARG A 101 -9.96 -7.08 -9.81
CA ARG A 101 -11.06 -7.46 -8.92
C ARG A 101 -11.15 -6.49 -7.76
N PRO A 102 -12.31 -6.44 -7.09
CA PRO A 102 -12.37 -5.70 -5.83
C PRO A 102 -11.36 -6.29 -4.85
N VAL A 103 -10.70 -5.43 -4.08
CA VAL A 103 -9.70 -5.89 -3.11
C VAL A 103 -10.35 -6.56 -1.91
N PRO A 104 -9.95 -7.82 -1.60
CA PRO A 104 -10.50 -8.52 -0.45
C PRO A 104 -9.89 -8.01 0.86
N PRO A 105 -10.47 -8.49 1.99
N PRO A 105 -10.30 -8.49 2.05
CA PRO A 105 -9.97 -8.59 3.36
CA PRO A 105 -9.75 -7.74 3.22
C PRO A 105 -8.84 -9.60 3.44
C PRO A 105 -8.25 -7.92 3.57
N SER A 106 -7.67 -9.05 3.17
CA SER A 106 -6.33 -9.52 3.56
C SER A 106 -5.66 -10.20 2.38
N PRO A 107 -5.50 -9.46 1.27
CA PRO A 107 -4.90 -10.12 0.10
C PRO A 107 -3.44 -10.50 0.38
N LYS A 108 -3.01 -11.64 -0.14
CA LYS A 108 -1.63 -12.08 -0.01
C LYS A 108 -1.08 -12.46 -1.39
N ILE A 109 0.17 -12.09 -1.65
CA ILE A 109 0.83 -12.38 -2.93
C ILE A 109 0.85 -13.90 -3.19
N ASP A 110 1.19 -14.67 -2.16
CA ASP A 110 1.31 -16.11 -2.30
C ASP A 110 -0.03 -16.86 -2.39
N ARG A 111 -1.13 -16.08 -2.42
CA ARG A 111 -2.46 -16.62 -2.70
C ARG A 111 -2.99 -16.00 -3.99
N GLY A 112 -2.12 -15.34 -4.76
CA GLY A 112 -2.48 -14.94 -6.09
C GLY A 112 -2.78 -13.45 -6.28
N TRP A 113 -2.74 -12.68 -5.20
CA TRP A 113 -2.95 -11.24 -5.33
C TRP A 113 -1.64 -10.53 -5.64
N VAL A 114 -1.45 -10.28 -6.94
CA VAL A 114 -0.17 -9.76 -7.46
C VAL A 114 0.16 -8.35 -7.00
N CYS A 115 -0.82 -7.45 -7.08
CA CYS A 115 -0.60 -6.09 -6.65
C CYS A 115 -1.94 -5.43 -6.46
N VAL A 116 -1.92 -4.23 -5.90
CA VAL A 116 -3.13 -3.44 -5.74
C VAL A 116 -2.90 -2.13 -6.46
N PHE A 117 -3.73 -1.86 -7.46
CA PHE A 117 -3.68 -0.58 -8.14
C PHE A 117 -4.56 0.42 -7.40
N GLN A 118 -3.99 1.57 -7.07
CA GLN A 118 -4.74 2.64 -6.42
C GLN A 118 -4.92 3.76 -7.44
N LEU A 119 -6.16 3.98 -7.84
CA LEU A 119 -6.46 4.97 -8.87
C LEU A 119 -6.58 6.36 -8.25
N GLN A 120 -6.35 7.38 -9.07
CA GLN A 120 -6.34 8.77 -8.58
C GLN A 120 -7.61 9.19 -7.84
N ASP A 121 -8.76 8.69 -8.27
CA ASP A 121 -10.02 9.12 -7.68
C ASP A 121 -10.40 8.28 -6.46
N GLY A 122 -9.48 7.44 -6.01
CA GLY A 122 -9.69 6.66 -4.82
C GLY A 122 -10.09 5.21 -5.06
N LYS A 123 -10.47 4.89 -6.30
CA LYS A 123 -10.79 3.51 -6.66
C LYS A 123 -9.58 2.62 -6.44
N THR A 124 -9.84 1.38 -6.04
CA THR A 124 -8.79 0.44 -5.72
CA THR A 124 -8.79 0.42 -5.72
C THR A 124 -9.15 -0.91 -6.35
N LEU A 125 -8.20 -1.50 -7.06
CA LEU A 125 -8.42 -2.79 -7.73
C LEU A 125 -7.25 -3.73 -7.52
N GLY A 126 -7.54 -4.98 -7.18
CA GLY A 126 -6.50 -5.99 -7.02
C GLY A 126 -6.34 -6.79 -8.30
N LEU A 127 -5.12 -7.18 -8.61
CA LEU A 127 -4.89 -8.01 -9.79
C LEU A 127 -4.70 -9.43 -9.33
N LYS A 128 -5.58 -10.32 -9.77
CA LYS A 128 -5.64 -11.69 -9.26
C LYS A 128 -5.18 -12.69 -10.31
N ILE A 129 -4.31 -13.60 -9.90
CA ILE A 129 -4.01 -14.80 -10.66
C ILE A 129 -4.58 -16.01 -9.92
N PRO B 6 -24.41 22.91 0.93
CA PRO B 6 -23.46 21.93 0.39
C PRO B 6 -22.85 21.09 1.50
N ASP B 7 -22.65 19.80 1.24
CA ASP B 7 -22.07 18.92 2.25
C ASP B 7 -20.60 19.27 2.51
N ILE B 8 -20.15 18.96 3.72
CA ILE B 8 -18.75 19.20 4.10
C ILE B 8 -17.79 18.46 3.17
N SER B 9 -16.81 19.18 2.64
CA SER B 9 -15.79 18.57 1.79
C SER B 9 -14.60 18.07 2.62
N ALA B 10 -13.78 17.22 2.01
CA ALA B 10 -12.56 16.74 2.64
C ALA B 10 -11.67 17.93 3.01
N LYS B 11 -11.60 18.93 2.15
CA LYS B 11 -10.74 20.09 2.41
C LYS B 11 -11.27 20.95 3.56
N ASP B 12 -12.58 21.16 3.61
CA ASP B 12 -13.20 21.85 4.74
C ASP B 12 -12.93 21.12 6.04
N LEU B 13 -13.10 19.80 6.01
CA LEU B 13 -12.90 18.99 7.23
C LEU B 13 -11.43 19.05 7.70
N ARG B 14 -10.51 18.93 6.74
CA ARG B 14 -9.10 19.01 7.08
C ARG B 14 -8.78 20.35 7.75
N ASN B 15 -9.29 21.44 7.16
CA ASN B 15 -9.08 22.77 7.73
C ASN B 15 -9.68 22.92 9.13
N ILE B 16 -10.88 22.39 9.33
CA ILE B 16 -11.49 22.41 10.66
C ILE B 16 -10.60 21.69 11.68
N MET B 17 -10.11 20.51 11.32
CA MET B 17 -9.27 19.76 12.26
C MET B 17 -7.92 20.45 12.49
N TYR B 18 -7.31 20.93 11.41
CA TYR B 18 -6.07 21.72 11.52
C TYR B 18 -6.23 22.90 12.47
N ASP B 19 -7.39 23.51 12.47
CA ASP B 19 -7.63 24.70 13.30
C ASP B 19 -7.55 24.36 14.80
N HIS B 20 -7.74 23.09 15.12
CA HIS B 20 -7.66 22.62 16.52
C HIS B 20 -6.28 22.13 16.99
N LEU B 21 -5.34 21.91 16.07
CA LEU B 21 -4.08 21.28 16.44
C LEU B 21 -3.00 22.31 16.66
N PRO B 22 -2.19 22.13 17.71
CA PRO B 22 -1.06 23.06 17.89
C PRO B 22 0.07 22.69 16.91
N GLY B 23 0.85 23.70 16.54
CA GLY B 23 1.99 23.48 15.66
C GLY B 23 1.59 23.26 14.22
N PHE B 24 2.52 22.71 13.43
CA PHE B 24 2.25 22.42 12.03
C PHE B 24 3.11 21.26 11.54
N GLY B 25 2.54 20.45 10.66
CA GLY B 25 3.29 19.37 10.04
C GLY B 25 3.62 18.27 11.03
N THR B 26 2.83 18.16 12.08
CA THR B 26 3.06 17.14 13.10
C THR B 26 2.43 15.83 12.65
N ALA B 27 2.70 14.75 13.38
CA ALA B 27 2.09 13.48 13.03
C ALA B 27 0.56 13.55 13.06
N PHE B 28 0.00 14.39 13.92
CA PHE B 28 -1.46 14.52 13.98
C PHE B 28 -2.00 15.24 12.76
N HIS B 29 -1.24 16.17 12.22
CA HIS B 29 -1.64 16.79 10.96
C HIS B 29 -1.69 15.72 9.85
N GLN B 30 -0.72 14.82 9.84
CA GLN B 30 -0.72 13.74 8.84
C GLN B 30 -1.90 12.81 9.03
N LEU B 31 -2.23 12.53 10.28
CA LEU B 31 -3.40 11.71 10.58
C LEU B 31 -4.68 12.38 10.05
N VAL B 32 -4.81 13.69 10.25
CA VAL B 32 -5.92 14.40 9.65
C VAL B 32 -5.98 14.13 8.14
N GLN B 33 -4.83 14.17 7.47
CA GLN B 33 -4.79 13.97 6.02
C GLN B 33 -5.32 12.58 5.64
N VAL B 34 -4.88 11.58 6.40
CA VAL B 34 -5.28 10.20 6.18
C VAL B 34 -6.77 10.01 6.46
N ILE B 35 -7.23 10.55 7.59
CA ILE B 35 -8.64 10.47 7.96
C ILE B 35 -9.55 11.09 6.89
N CYS B 36 -9.17 12.26 6.37
CA CYS B 36 -9.97 12.92 5.34
C CYS B 36 -9.93 12.22 3.99
N LYS B 37 -8.77 11.63 3.66
CA LYS B 37 -8.62 10.88 2.42
C LYS B 37 -9.47 9.62 2.43
N LEU B 38 -9.27 8.78 3.45
CA LEU B 38 -10.04 7.55 3.55
C LEU B 38 -11.52 7.84 3.79
N GLY B 39 -11.81 8.88 4.55
CA GLY B 39 -13.17 9.35 4.74
C GLY B 39 -13.83 9.79 3.44
N LYS B 40 -13.10 10.52 2.61
CA LYS B 40 -13.67 10.90 1.31
C LYS B 40 -13.99 9.65 0.47
N ASP B 41 -13.02 8.73 0.41
CA ASP B 41 -13.15 7.54 -0.44
C ASP B 41 -14.28 6.60 -0.01
N SER B 42 -14.66 6.67 1.27
CA SER B 42 -15.72 5.82 1.81
CA SER B 42 -15.73 5.81 1.79
C SER B 42 -16.96 6.61 2.18
N ASN B 43 -17.07 7.84 1.65
CA ASN B 43 -18.26 8.66 1.84
C ASN B 43 -18.67 8.80 3.29
N SER B 44 -17.67 8.89 4.16
CA SER B 44 -17.87 8.88 5.61
C SER B 44 -17.48 10.19 6.30
N LEU B 45 -17.27 11.25 5.52
CA LEU B 45 -16.86 12.54 6.09
C LEU B 45 -17.83 13.09 7.14
N ASP B 46 -19.13 12.83 6.96
CA ASP B 46 -20.10 13.36 7.92
C ASP B 46 -19.96 12.69 9.28
N ILE B 47 -19.93 11.37 9.32
CA ILE B 47 -19.79 10.69 10.61
C ILE B 47 -18.45 10.99 11.25
N ILE B 48 -17.40 11.13 10.43
CA ILE B 48 -16.10 11.48 10.97
C ILE B 48 -16.17 12.84 11.65
N HIS B 49 -16.75 13.82 10.96
CA HIS B 49 -16.89 15.13 11.56
C HIS B 49 -17.70 15.08 12.86
N ALA B 50 -18.79 14.32 12.87
CA ALA B 50 -19.64 14.23 14.05
C ALA B 50 -18.89 13.59 15.21
N GLU B 51 -18.09 12.57 14.93
CA GLU B 51 -17.34 11.90 16.00
C GLU B 51 -16.27 12.85 16.52
N PHE B 52 -15.66 13.61 15.64
CA PHE B 52 -14.66 14.60 16.07
C PHE B 52 -15.27 15.61 17.02
N GLN B 53 -16.44 16.13 16.65
CA GLN B 53 -17.08 17.17 17.44
C GLN B 53 -17.59 16.63 18.77
N ALA B 54 -18.11 15.40 18.76
CA ALA B 54 -18.66 14.79 19.95
C ALA B 54 -17.55 14.57 20.98
N SER B 55 -16.40 14.15 20.49
CA SER B 55 -15.23 13.94 21.33
CA SER B 55 -15.23 13.94 21.35
C SER B 55 -14.77 15.23 22.01
N LEU B 56 -14.64 16.30 21.23
CA LEU B 56 -14.28 17.59 21.79
C LEU B 56 -15.32 18.05 22.80
N ALA B 57 -16.60 17.80 22.50
CA ALA B 57 -17.70 18.23 23.38
C ALA B 57 -17.65 17.54 24.74
N GLU B 58 -17.06 16.35 24.75
CA GLU B 58 -16.91 15.61 26.00
C GLU B 58 -15.68 16.06 26.79
N GLY B 59 -14.84 16.87 26.16
CA GLY B 59 -13.68 17.39 26.86
C GLY B 59 -12.36 16.77 26.43
N ASP B 60 -12.37 15.94 25.38
CA ASP B 60 -11.14 15.30 24.91
C ASP B 60 -10.24 16.32 24.24
N SER B 61 -8.94 16.07 24.29
CA SER B 61 -8.00 16.86 23.51
C SER B 61 -8.28 16.61 22.03
N PRO B 62 -7.92 17.56 21.17
CA PRO B 62 -8.16 17.25 19.75
C PRO B 62 -7.31 16.09 19.26
N GLN B 63 -6.11 15.93 19.80
CA GLN B 63 -5.28 14.78 19.47
C GLN B 63 -6.03 13.49 19.82
N CYS B 64 -6.57 13.43 21.03
N CYS B 64 -6.58 13.42 21.03
CA CYS B 64 -7.38 12.29 21.44
CA CYS B 64 -7.37 12.24 21.41
C CYS B 64 -8.61 12.08 20.55
C CYS B 64 -8.62 12.06 20.53
N ALA B 65 -9.27 13.18 20.19
CA ALA B 65 -10.43 13.12 19.29
C ALA B 65 -10.10 12.47 17.95
N LEU B 66 -8.92 12.76 17.41
CA LEU B 66 -8.50 12.14 16.15
C LEU B 66 -8.28 10.64 16.35
N ILE B 67 -7.62 10.28 17.44
CA ILE B 67 -7.43 8.86 17.75
C ILE B 67 -8.78 8.15 17.95
N GLN B 68 -9.71 8.82 18.62
CA GLN B 68 -11.05 8.24 18.84
C GLN B 68 -11.74 7.96 17.50
N ILE B 69 -11.55 8.82 16.51
CA ILE B 69 -12.08 8.53 15.19
C ILE B 69 -11.56 7.20 14.63
N THR B 70 -10.27 6.93 14.83
CA THR B 70 -9.68 5.69 14.29
C THR B 70 -10.18 4.43 15.01
N LYS B 71 -10.67 4.62 16.22
CA LYS B 71 -11.24 3.52 16.99
C LYS B 71 -12.76 3.39 16.83
N ARG B 72 -13.44 4.48 16.52
CA ARG B 72 -14.90 4.48 16.50
C ARG B 72 -15.54 4.43 15.11
N VAL B 73 -14.84 4.92 14.09
CA VAL B 73 -15.41 4.92 12.74
C VAL B 73 -14.97 3.66 12.00
N PRO B 74 -15.92 2.80 11.59
CA PRO B 74 -15.62 1.43 11.12
C PRO B 74 -14.66 1.32 9.94
N ILE B 75 -14.53 2.35 9.11
CA ILE B 75 -13.58 2.26 8.01
C ILE B 75 -12.12 2.20 8.50
N PHE B 76 -11.87 2.63 9.73
CA PHE B 76 -10.51 2.63 10.27
C PHE B 76 -10.22 1.40 11.13
N GLN B 77 -11.27 0.68 11.52
CA GLN B 77 -11.08 -0.44 12.44
C GLN B 77 -10.39 -1.62 11.80
N ASP B 78 -9.27 -2.02 12.39
CA ASP B 78 -8.47 -3.14 11.90
C ASP B 78 -8.01 -2.92 10.47
N ALA B 79 -7.88 -1.66 10.07
CA ALA B 79 -7.48 -1.30 8.71
C ALA B 79 -5.97 -1.11 8.62
N ALA B 80 -5.37 -1.61 7.55
CA ALA B 80 -3.96 -1.36 7.31
C ALA B 80 -3.82 0.12 7.01
N PRO B 81 -2.65 0.69 7.27
CA PRO B 81 -2.50 2.10 6.88
C PRO B 81 -2.30 2.28 5.37
N PRO B 82 -2.71 3.44 4.85
CA PRO B 82 -2.53 3.71 3.41
C PRO B 82 -1.06 3.87 3.06
N VAL B 83 -0.72 3.49 1.84
CA VAL B 83 0.61 3.72 1.31
C VAL B 83 0.62 5.05 0.58
N ILE B 84 1.62 5.86 0.88
CA ILE B 84 1.78 7.16 0.25
C ILE B 84 3.15 7.21 -0.43
N HIS B 85 3.13 7.30 -1.75
CA HIS B 85 4.38 7.26 -2.51
C HIS B 85 5.04 8.63 -2.53
N ILE B 86 6.31 8.70 -2.11
CA ILE B 86 7.04 9.96 -2.05
C ILE B 86 8.47 9.76 -2.58
N ARG B 87 9.19 10.85 -2.84
CA ARG B 87 10.56 10.73 -3.35
C ARG B 87 11.56 10.31 -2.29
N SER B 88 11.60 11.05 -1.19
CA SER B 88 12.51 10.75 -0.07
C SER B 88 11.99 11.41 1.19
N ARG B 89 12.79 11.35 2.25
CA ARG B 89 12.47 11.94 3.55
C ARG B 89 12.07 13.41 3.46
N GLY B 90 12.59 14.11 2.45
CA GLY B 90 12.34 15.53 2.31
C GLY B 90 10.91 15.92 2.01
N ASP B 91 10.12 14.97 1.52
CA ASP B 91 8.71 15.20 1.22
C ASP B 91 7.84 15.04 2.48
N ILE B 92 8.45 14.63 3.58
CA ILE B 92 7.75 14.48 4.85
C ILE B 92 8.04 15.69 5.74
N PRO B 93 6.99 16.28 6.35
CA PRO B 93 7.15 17.47 7.20
C PRO B 93 8.19 17.26 8.30
N ARG B 94 8.91 18.32 8.64
CA ARG B 94 9.95 18.28 9.66
CA ARG B 94 9.95 18.26 9.65
C ARG B 94 9.46 17.68 10.97
N ALA B 95 8.27 18.12 11.39
CA ALA B 95 7.71 17.71 12.66
C ALA B 95 7.25 16.24 12.72
N CYS B 96 7.22 15.58 11.56
CA CYS B 96 6.91 14.14 11.51
C CYS B 96 8.16 13.26 11.50
N GLN B 97 9.34 13.86 11.31
CA GLN B 97 10.55 13.07 11.05
C GLN B 97 10.85 12.06 12.16
N LYS B 98 10.74 12.49 13.41
CA LYS B 98 11.11 11.64 14.54
C LYS B 98 10.04 10.62 14.85
N SER B 99 8.92 10.69 14.13
CA SER B 99 7.86 9.72 14.30
C SER B 99 7.92 8.61 13.23
N LEU B 100 8.92 8.68 12.34
CA LEU B 100 9.07 7.66 11.30
C LEU B 100 9.79 6.41 11.85
N ARG B 101 9.25 5.23 11.53
CA ARG B 101 9.77 3.97 12.07
C ARG B 101 9.82 2.88 11.01
N PRO B 102 10.72 1.91 11.16
CA PRO B 102 10.64 0.76 10.26
C PRO B 102 9.24 0.14 10.36
N VAL B 103 8.74 -0.41 9.27
CA VAL B 103 7.37 -0.93 9.24
C VAL B 103 7.29 -2.34 9.84
N PRO B 104 6.39 -2.54 10.82
CA PRO B 104 6.22 -3.86 11.43
C PRO B 104 5.42 -4.77 10.51
N PRO B 105 5.30 -6.05 10.86
N PRO B 105 5.33 -6.07 10.82
CA PRO B 105 4.29 -6.90 10.22
CA PRO B 105 4.66 -7.02 9.92
C PRO B 105 2.92 -6.50 10.74
C PRO B 105 3.21 -6.68 9.57
N SER B 106 1.91 -6.48 9.86
N SER B 106 2.39 -6.36 10.58
CA SER B 106 0.55 -6.12 10.24
CA SER B 106 0.96 -6.13 10.36
C SER B 106 0.37 -4.76 10.94
C SER B 106 0.48 -4.80 10.95
N PRO B 107 0.89 -3.68 10.35
CA PRO B 107 0.55 -2.39 10.96
C PRO B 107 -0.92 -2.06 10.79
N LYS B 108 -1.52 -1.40 11.79
CA LYS B 108 -2.94 -1.03 11.78
C LYS B 108 -3.11 0.45 12.15
N ILE B 109 -4.05 1.11 11.49
CA ILE B 109 -4.32 2.52 11.77
C ILE B 109 -4.78 2.71 13.21
N ASP B 110 -5.65 1.80 13.69
CA ASP B 110 -6.17 1.94 15.05
C ASP B 110 -5.21 1.46 16.14
N ARG B 111 -4.00 1.12 15.74
CA ARG B 111 -2.89 0.89 16.68
C ARG B 111 -1.83 1.98 16.54
N GLY B 112 -2.13 3.03 15.81
CA GLY B 112 -1.25 4.19 15.78
C GLY B 112 -0.38 4.31 14.55
N TRP B 113 -0.50 3.37 13.61
CA TRP B 113 0.21 3.43 12.33
C TRP B 113 -0.58 4.26 11.31
N VAL B 114 -0.23 5.53 11.23
CA VAL B 114 -0.97 6.52 10.46
C VAL B 114 -0.91 6.26 8.95
N CYS B 115 0.28 5.99 8.45
CA CYS B 115 0.43 5.76 7.04
C CYS B 115 1.78 5.13 6.82
N VAL B 116 1.98 4.62 5.62
CA VAL B 116 3.26 4.05 5.25
C VAL B 116 3.77 4.84 4.06
N PHE B 117 4.92 5.47 4.22
CA PHE B 117 5.56 6.20 3.13
C PHE B 117 6.48 5.24 2.35
N GLN B 118 6.29 5.20 1.04
CA GLN B 118 7.16 4.41 0.18
C GLN B 118 8.02 5.37 -0.62
N LEU B 119 9.32 5.36 -0.36
CA LEU B 119 10.25 6.30 -1.02
C LEU B 119 10.68 5.76 -2.39
N GLN B 120 11.17 6.65 -3.26
CA GLN B 120 11.50 6.25 -4.63
C GLN B 120 12.56 5.14 -4.74
N ASP B 121 13.48 5.07 -3.77
CA ASP B 121 14.55 4.08 -3.86
C ASP B 121 14.18 2.75 -3.20
N GLY B 122 12.93 2.64 -2.77
CA GLY B 122 12.45 1.39 -2.21
C GLY B 122 12.36 1.37 -0.70
N LYS B 123 12.96 2.36 -0.05
CA LYS B 123 12.83 2.47 1.41
C LYS B 123 11.36 2.64 1.80
N THR B 124 11.01 2.15 2.98
CA THR B 124 9.64 2.20 3.46
CA THR B 124 9.63 2.20 3.47
C THR B 124 9.65 2.58 4.95
N LEU B 125 8.83 3.56 5.31
CA LEU B 125 8.82 4.05 6.69
C LEU B 125 7.39 4.23 7.17
N GLY B 126 7.08 3.75 8.37
CA GLY B 126 5.74 3.97 8.91
C GLY B 126 5.74 5.24 9.75
N LEU B 127 4.62 5.94 9.77
CA LEU B 127 4.45 7.04 10.69
C LEU B 127 3.67 6.54 11.91
N LYS B 128 4.28 6.65 13.09
CA LYS B 128 3.70 6.08 14.29
C LYS B 128 3.29 7.16 15.28
N ILE B 129 2.06 7.05 15.77
CA ILE B 129 1.62 7.79 16.95
C ILE B 129 1.43 6.82 18.11
OAB 1DL C . 11.83 1.61 -9.88
CAS 1DL C . 12.27 0.44 -9.82
OAE 1DL C . 13.38 0.27 -9.25
CBC 1DL C . 11.47 -0.68 -10.42
CAQ 1DL C . 10.26 -0.31 -10.99
CAX 1DL C . 11.83 -2.03 -10.43
CAA 1DL C . 13.10 -2.57 -9.84
CAK 1DL C . 10.98 -2.96 -11.02
CAN 1DL C . 9.78 -2.57 -11.60
CBB 1DL C . 9.41 -1.25 -11.59
NBE 1DL C . 8.17 -0.83 -12.17
CBD 1DL C . 7.00 -1.45 -11.97
CBA 1DL C . 6.57 -1.52 -10.56
SAR 1DL C . 6.20 -0.12 -9.69
CAO 1DL C . 5.81 -0.83 -8.21
CAY 1DL C . 5.99 -2.20 -8.42
BRA 1DL C . 5.66 -3.46 -7.02
CAP 1DL C . 6.40 -2.61 -9.72
CAV 1DL C . 8.02 0.17 -13.05
OAD 1DL C . 9.03 1.00 -13.44
CAU 1DL C . 6.69 0.18 -13.47
OAF 1DL C . 6.15 1.04 -14.39
CAW 1DL C . 6.05 -0.86 -12.81
CAT 1DL C . 4.65 -1.37 -12.90
OAC 1DL C . 4.48 -2.55 -12.59
CAZ 1DL C . 3.47 -0.55 -13.32
CAL 1DL C . 2.41 -1.19 -13.94
CAI 1DL C . 1.30 -0.46 -14.33
CAH 1DL C . 1.24 0.91 -14.11
CAJ 1DL C . 2.31 1.55 -13.49
CAM 1DL C . 3.42 0.82 -13.08
C1 GOL D . -14.74 5.13 -4.34
O1 GOL D . -14.16 4.39 -3.29
C2 GOL D . -13.74 6.16 -4.85
O2 GOL D . -13.85 7.34 -4.08
C3 GOL D . -14.05 6.46 -6.31
O3 GOL D . -15.34 6.97 -6.44
OAB 1DL E . -8.65 13.59 -2.74
CAS 1DL E . -7.44 13.75 -2.44
OAE 1DL E . -6.60 13.72 -3.37
CBC 1DL E . -6.93 13.94 -1.05
CAQ 1DL E . -5.56 14.08 -0.91
CAX 1DL E . -7.73 13.99 0.11
CAA 1DL E . -9.23 13.85 0.09
CAK 1DL E . -7.15 14.19 1.34
CAN 1DL E . -5.77 14.33 1.48
CBB 1DL E . -4.98 14.28 0.35
NBE 1DL E . -3.56 14.43 0.47
CBD 1DL E . -2.81 13.72 1.32
CBA 1DL E . -2.95 12.25 1.25
SAR 1DL E . -2.42 11.40 -0.11
CAO 1DL E . -2.81 9.84 0.37
CAY 1DL E . -3.38 9.99 1.66
BRA 1DL E . -3.99 8.47 2.64
CAP 1DL E . -3.45 11.32 2.17
CAV 1DL E . -2.80 15.26 -0.26
OAD 1DL E . -3.26 16.09 -1.24
CAU 1DL E . -1.48 15.12 0.17
OAF 1DL E . -0.40 15.80 -0.31
CAW 1DL E . -1.50 14.16 1.20
CAT 1DL E . -0.41 13.70 2.11
OAC 1DL E . -0.74 13.22 3.19
CAZ 1DL E . 1.04 13.72 1.77
CAL 1DL E . 1.96 13.94 2.79
CAI 1DL E . 3.32 13.95 2.52
CAH 1DL E . 3.78 13.73 1.22
CAJ 1DL E . 2.86 13.50 0.20
CAM 1DL E . 1.49 13.50 0.47
C1 GOL F . -9.21 10.96 27.27
O1 GOL F . -10.49 11.10 27.83
C2 GOL F . -8.42 12.23 27.51
O2 GOL F . -7.05 11.90 27.65
C3 GOL F . -8.63 13.17 26.32
O3 GOL F . -7.70 14.24 26.32
MG MG G . -1.41 24.74 14.48
#